data_7VP0
#
_entry.id   7VP0
#
_cell.length_a   170.950
_cell.length_b   103.550
_cell.length_c   76.910
_cell.angle_alpha   90.000
_cell.angle_beta   116.660
_cell.angle_gamma   90.000
#
_symmetry.space_group_name_H-M   'C 1 2 1'
#
loop_
_entity.id
_entity.type
_entity.pdbx_description
1 polymer VP1
2 non-polymer 'MAGNESIUM ION'
3 water water
#
_entity_poly.entity_id   1
_entity_poly.type   'polypeptide(L)'
_entity_poly.pdbx_seq_one_letter_code
;QKTKQFSVPNLPLNVMSNSRVPSLLNAMVVSPDQAQVVQFQNGRCTLDGQMLGTTTVSASCVARFRGKTFQAPDNRLGIN
LAEISGEPYHAFESPAPLGFPDFGDGDWHVTATKVTPSQLEANDPVVVGNVQPYNPQFAPHLGTLVVENPTPDQVATGTD
LLFNITWLSNRANNRFNPWVIPNYGSTLTEAAQLAPSIFPPGFGETIVYFNSTFPAVGATTHAAIPCLLPQEFVAHFVNE
QAPIRGEAALLHYIDPDTHRNLGEFKIYPEGFVTCVPNVGGTGPQSLPTNGVFVFVSWVSRYYQLKPVGTAG
;
_entity_poly.pdbx_strand_id   A,B
#
# COMPACT_ATOMS: atom_id res chain seq x y z
N THR A 3 -5.89 13.00 27.27
CA THR A 3 -5.73 11.73 27.97
C THR A 3 -5.36 10.58 27.02
N LYS A 4 -5.45 10.80 25.71
CA LYS A 4 -5.03 9.78 24.74
C LYS A 4 -3.51 9.78 24.68
N GLN A 5 -2.88 8.75 25.21
CA GLN A 5 -1.43 8.75 25.31
C GLN A 5 -0.81 8.40 23.96
N PHE A 6 0.38 8.96 23.71
CA PHE A 6 1.02 8.81 22.41
C PHE A 6 1.64 7.41 22.28
N SER A 7 1.76 6.94 21.04
CA SER A 7 2.43 5.67 20.77
C SER A 7 2.77 5.58 19.29
N VAL A 8 3.62 4.61 18.96
CA VAL A 8 3.97 4.31 17.57
C VAL A 8 3.53 2.89 17.24
N PRO A 9 3.18 2.57 16.00
CA PRO A 9 2.91 1.17 15.66
C PRO A 9 4.09 0.32 16.07
N ASN A 10 3.79 -0.83 16.65
CA ASN A 10 4.83 -1.77 17.08
C ASN A 10 4.96 -2.92 16.10
N LEU A 11 5.09 -2.58 14.81
CA LEU A 11 5.39 -3.50 13.73
C LEU A 11 6.89 -3.51 13.47
N PRO A 12 7.45 -4.69 13.21
CA PRO A 12 8.86 -4.76 12.82
C PRO A 12 9.11 -3.84 11.64
N LEU A 13 10.24 -3.13 11.68
CA LEU A 13 10.56 -2.17 10.64
C LEU A 13 10.45 -2.81 9.26
N ASN A 14 11.01 -4.01 9.08
CA ASN A 14 11.04 -4.61 7.75
C ASN A 14 9.70 -5.19 7.30
N VAL A 15 8.62 -5.02 8.05
CA VAL A 15 7.30 -5.24 7.47
C VAL A 15 6.56 -3.94 7.22
N MET A 16 7.11 -2.80 7.62
CA MET A 16 6.47 -1.53 7.33
C MET A 16 6.93 -1.04 5.96
N SER A 17 6.27 0.02 5.47
CA SER A 17 6.42 0.42 4.08
C SER A 17 6.86 1.87 3.96
N ASN A 18 7.41 2.18 2.79
CA ASN A 18 7.82 3.53 2.50
C ASN A 18 6.60 4.44 2.42
N SER A 19 6.82 5.72 2.72
CA SER A 19 5.75 6.70 2.57
C SER A 19 5.90 7.54 1.31
N ARG A 20 6.98 7.32 0.54
CA ARG A 20 7.18 8.03 -0.71
C ARG A 20 7.16 7.15 -1.93
N VAL A 21 7.32 5.83 -1.77
CA VAL A 21 7.00 4.88 -2.84
C VAL A 21 6.25 3.72 -2.21
N PRO A 22 5.47 3.02 -3.01
CA PRO A 22 4.82 1.82 -2.44
C PRO A 22 5.76 0.62 -2.37
N SER A 23 6.70 0.65 -1.42
CA SER A 23 7.69 -0.42 -1.26
C SER A 23 7.91 -0.74 0.20
N LEU A 24 8.31 -2.00 0.47
CA LEU A 24 8.74 -2.44 1.80
C LEU A 24 9.96 -1.63 2.25
N LEU A 25 10.04 -1.34 3.53
CA LEU A 25 11.26 -0.79 4.10
C LEU A 25 12.25 -1.93 4.37
N ASN A 26 13.53 -1.67 4.12
CA ASN A 26 14.55 -2.69 4.34
C ASN A 26 15.84 -2.10 4.91
N ALA A 27 15.83 -0.84 5.34
CA ALA A 27 17.01 -0.24 5.96
C ALA A 27 16.61 1.08 6.59
N MET A 28 17.38 1.48 7.61
CA MET A 28 17.38 2.85 8.06
C MET A 28 18.81 3.34 8.00
N VAL A 29 19.00 4.59 7.59
CA VAL A 29 20.32 5.18 7.41
C VAL A 29 20.31 6.59 7.96
N VAL A 30 21.51 7.12 8.19
CA VAL A 30 21.70 8.55 8.36
C VAL A 30 22.52 9.06 7.19
N SER A 31 22.37 10.34 6.88
CA SER A 31 23.11 10.98 5.80
C SER A 31 23.40 12.42 6.20
N PRO A 32 24.26 12.62 7.21
CA PRO A 32 24.48 13.98 7.72
C PRO A 32 25.12 14.92 6.72
N ASP A 33 26.24 14.48 6.13
CA ASP A 33 27.18 15.41 5.49
C ASP A 33 26.56 16.08 4.27
N GLN A 34 26.11 15.28 3.29
CA GLN A 34 25.38 15.87 2.18
C GLN A 34 24.05 16.41 2.68
N ALA A 35 24.06 17.64 3.19
CA ALA A 35 22.89 18.24 3.83
C ALA A 35 22.04 19.03 2.83
N GLN A 36 21.79 18.44 1.65
CA GLN A 36 20.78 18.98 0.75
C GLN A 36 19.46 19.15 1.49
N VAL A 37 18.63 20.08 1.02
CA VAL A 37 17.43 20.45 1.77
C VAL A 37 16.55 19.21 1.96
N VAL A 38 16.01 19.07 3.16
CA VAL A 38 15.15 17.94 3.48
C VAL A 38 13.74 18.48 3.55
N GLN A 39 12.94 18.17 2.53
CA GLN A 39 11.63 18.79 2.38
C GLN A 39 10.69 17.88 1.60
N PHE A 40 10.71 16.59 1.91
CA PHE A 40 9.78 15.68 1.27
C PHE A 40 8.35 16.20 1.46
N GLN A 41 7.50 15.96 0.47
CA GLN A 41 6.09 16.34 0.58
C GLN A 41 5.21 15.17 0.96
N ASN A 42 5.63 13.94 0.67
CA ASN A 42 4.97 12.73 1.12
C ASN A 42 5.65 12.22 2.38
N GLY A 43 4.91 11.41 3.13
CA GLY A 43 5.38 10.92 4.44
C GLY A 43 5.66 12.00 5.47
N ARG A 44 4.78 13.01 5.56
CA ARG A 44 4.95 14.13 6.47
C ARG A 44 3.71 14.21 7.34
N CYS A 45 3.89 14.14 8.65
CA CYS A 45 2.75 14.07 9.55
C CYS A 45 3.21 14.40 10.95
N THR A 46 2.46 15.24 11.66
CA THR A 46 2.80 15.57 13.04
C THR A 46 2.46 14.40 13.95
N LEU A 47 3.04 14.44 15.16
CA LEU A 47 2.77 13.38 16.12
C LEU A 47 1.31 13.36 16.57
N ASP A 48 0.60 14.48 16.47
CA ASP A 48 -0.82 14.43 16.76
C ASP A 48 -1.65 14.17 15.51
N GLY A 49 -1.02 13.77 14.42
CA GLY A 49 -1.76 13.24 13.29
C GLY A 49 -2.27 14.23 12.27
N GLN A 50 -1.56 15.34 12.07
CA GLN A 50 -1.90 16.31 11.02
C GLN A 50 -0.96 16.08 9.83
N MET A 51 -1.53 15.65 8.72
CA MET A 51 -0.72 15.39 7.54
C MET A 51 -0.34 16.72 6.87
N LEU A 52 0.86 16.76 6.30
CA LEU A 52 1.37 17.98 5.68
C LEU A 52 1.74 17.73 4.21
N GLY A 53 2.01 18.83 3.51
CA GLY A 53 2.29 18.78 2.09
C GLY A 53 1.24 17.99 1.31
N THR A 54 1.68 16.95 0.60
CA THR A 54 0.77 16.11 -0.16
C THR A 54 0.49 14.76 0.52
N THR A 55 0.82 14.62 1.80
CA THR A 55 0.73 13.32 2.44
C THR A 55 -0.72 12.87 2.57
N THR A 56 -1.00 11.65 2.13
CA THR A 56 -2.26 10.97 2.38
C THR A 56 -2.07 9.86 3.40
N VAL A 57 -3.17 9.40 3.99
CA VAL A 57 -3.14 8.27 4.91
C VAL A 57 -3.15 6.94 4.17
N SER A 58 -3.48 6.96 2.89
CA SER A 58 -3.84 5.75 2.15
C SER A 58 -2.60 5.18 1.47
N ALA A 59 -2.09 4.05 2.00
CA ALA A 59 -0.86 3.47 1.45
C ALA A 59 -0.95 3.28 -0.06
N SER A 60 -2.10 2.89 -0.55
CA SER A 60 -2.29 2.61 -1.94
C SER A 60 -2.42 3.88 -2.79
N CYS A 61 -2.18 5.08 -2.22
CA CYS A 61 -2.13 6.33 -2.96
C CYS A 61 -0.73 6.92 -3.05
N VAL A 62 0.21 6.39 -2.29
CA VAL A 62 1.58 6.90 -2.25
C VAL A 62 2.21 6.82 -3.63
N ALA A 63 2.49 7.98 -4.23
CA ALA A 63 3.14 8.09 -5.54
C ALA A 63 2.28 7.49 -6.66
N ARG A 64 0.98 7.73 -6.58
CA ARG A 64 0.05 7.40 -7.66
C ARG A 64 -0.73 8.66 -8.02
N PHE A 65 -1.00 8.88 -9.30
CA PHE A 65 -1.81 10.03 -9.68
C PHE A 65 -2.88 9.59 -10.67
N ARG A 66 -3.96 10.37 -10.73
CA ARG A 66 -5.11 10.04 -11.55
C ARG A 66 -5.53 11.27 -12.35
N GLY A 67 -6.07 11.04 -13.54
CA GLY A 67 -6.52 12.17 -14.32
C GLY A 67 -7.27 11.74 -15.55
N LYS A 68 -7.79 12.75 -16.24
CA LYS A 68 -8.49 12.60 -17.50
C LYS A 68 -7.63 13.16 -18.63
N THR A 69 -7.63 12.45 -19.75
CA THR A 69 -6.76 12.76 -20.88
C THR A 69 -7.33 13.88 -21.73
N PHE A 70 -6.43 14.69 -22.29
CA PHE A 70 -6.74 15.52 -23.44
C PHE A 70 -5.54 15.47 -24.37
N GLN A 71 -5.72 16.01 -25.58
CA GLN A 71 -4.65 15.98 -26.58
C GLN A 71 -3.82 17.26 -26.49
N ALA A 72 -2.53 17.10 -26.28
CA ALA A 72 -1.54 18.18 -26.28
C ALA A 72 -0.77 18.17 -27.60
N PRO A 73 -0.02 19.24 -27.89
CA PRO A 73 0.74 19.28 -29.15
C PRO A 73 1.69 18.10 -29.30
N ASP A 74 1.81 17.62 -30.55
CA ASP A 74 2.85 16.66 -30.97
C ASP A 74 2.64 15.28 -30.35
N ASN A 75 1.39 14.82 -30.38
CA ASN A 75 1.01 13.50 -29.86
C ASN A 75 1.45 13.29 -28.40
N ARG A 76 1.72 14.38 -27.69
CA ARG A 76 1.87 14.34 -26.25
C ARG A 76 0.50 14.14 -25.61
N LEU A 77 0.49 13.51 -24.44
CA LEU A 77 -0.76 13.20 -23.74
C LEU A 77 -0.89 14.11 -22.51
N GLY A 78 -1.83 15.05 -22.58
CA GLY A 78 -2.14 15.88 -21.43
C GLY A 78 -3.05 15.15 -20.45
N ILE A 79 -2.82 15.38 -19.16
CA ILE A 79 -3.65 14.83 -18.09
C ILE A 79 -4.13 15.96 -17.20
N ASN A 80 -5.47 16.09 -17.07
CA ASN A 80 -6.10 16.95 -16.05
C ASN A 80 -6.25 16.17 -14.75
N LEU A 81 -5.41 16.48 -13.77
CA LEU A 81 -5.35 15.68 -12.54
C LEU A 81 -6.66 15.75 -11.75
N ALA A 82 -6.98 14.63 -11.09
CA ALA A 82 -8.00 14.53 -10.06
C ALA A 82 -7.41 13.79 -8.87
N GLU A 83 -8.13 13.73 -7.76
CA GLU A 83 -7.69 12.88 -6.66
C GLU A 83 -7.81 11.40 -7.06
N ILE A 84 -6.91 10.57 -6.54
CA ILE A 84 -6.96 9.13 -6.82
C ILE A 84 -8.35 8.56 -6.53
N SER A 85 -9.04 9.14 -5.53
CA SER A 85 -10.39 8.71 -5.20
C SER A 85 -11.39 8.99 -6.31
N GLY A 86 -11.04 9.82 -7.29
CA GLY A 86 -11.97 10.36 -8.26
C GLY A 86 -12.46 11.76 -7.91
N GLU A 87 -12.52 12.10 -6.63
CA GLU A 87 -12.91 13.43 -6.19
C GLU A 87 -12.14 14.49 -6.99
N PRO A 88 -12.79 15.59 -7.41
CA PRO A 88 -12.07 16.57 -8.23
C PRO A 88 -10.90 17.16 -7.46
N TYR A 89 -9.85 17.53 -8.19
CA TYR A 89 -8.74 18.28 -7.64
C TYR A 89 -8.88 19.77 -8.04
N HIS A 90 -8.87 20.66 -7.05
CA HIS A 90 -8.84 22.10 -7.31
C HIS A 90 -7.52 22.69 -6.82
N ALA A 91 -7.08 23.71 -7.56
CA ALA A 91 -5.86 24.42 -7.25
C ALA A 91 -6.02 25.23 -5.96
N PHE A 92 -4.90 25.75 -5.46
CA PHE A 92 -4.80 26.75 -4.40
C PHE A 92 -5.09 26.21 -3.01
N GLU A 93 -5.40 24.92 -2.87
CA GLU A 93 -5.66 24.33 -1.56
C GLU A 93 -4.50 23.46 -1.04
N SER A 94 -3.81 22.73 -1.91
CA SER A 94 -2.71 21.82 -1.55
C SER A 94 -1.60 21.98 -2.57
N PRO A 95 -0.39 21.51 -2.25
CA PRO A 95 0.69 21.59 -3.25
C PRO A 95 0.39 20.84 -4.54
N ALA A 96 -0.37 19.75 -4.46
CA ALA A 96 -0.65 18.85 -5.56
C ALA A 96 -1.71 17.88 -5.04
N PRO A 97 -2.25 16.95 -5.84
CA PRO A 97 -3.24 16.03 -5.28
C PRO A 97 -2.61 15.14 -4.22
N LEU A 98 -3.46 14.54 -3.39
CA LEU A 98 -2.99 13.69 -2.30
C LEU A 98 -2.21 12.50 -2.86
N GLY A 99 -1.00 12.29 -2.35
CA GLY A 99 -0.18 11.16 -2.76
C GLY A 99 0.67 11.41 -4.00
N PHE A 100 0.47 12.54 -4.68
CA PHE A 100 1.25 12.89 -5.85
C PHE A 100 2.74 12.72 -5.57
N PRO A 101 3.53 12.14 -6.49
CA PRO A 101 4.91 11.77 -6.17
C PRO A 101 5.77 13.00 -6.03
N ASP A 102 6.76 12.91 -5.13
CA ASP A 102 7.56 14.10 -4.86
C ASP A 102 9.01 13.87 -5.26
N PHE A 103 9.23 13.37 -6.48
CA PHE A 103 10.55 13.23 -7.06
C PHE A 103 10.69 14.21 -8.23
N GLY A 104 11.53 15.22 -8.04
CA GLY A 104 11.70 16.21 -9.10
C GLY A 104 12.88 15.98 -10.01
N ASP A 105 13.77 15.04 -9.63
CA ASP A 105 15.10 14.96 -10.22
C ASP A 105 15.24 13.86 -11.25
N GLY A 106 14.15 13.21 -11.64
CA GLY A 106 14.27 12.22 -12.70
C GLY A 106 12.97 11.98 -13.42
N ASP A 107 13.09 11.34 -14.58
CA ASP A 107 11.93 10.93 -15.36
C ASP A 107 11.14 9.86 -14.62
N TRP A 108 9.81 10.00 -14.66
CA TRP A 108 8.92 8.98 -14.13
C TRP A 108 8.43 8.15 -15.30
N HIS A 109 8.75 6.87 -15.30
CA HIS A 109 8.18 5.94 -16.26
C HIS A 109 6.93 5.33 -15.63
N VAL A 110 5.79 5.57 -16.26
CA VAL A 110 4.50 5.35 -15.62
C VAL A 110 3.72 4.30 -16.38
N THR A 111 2.95 3.51 -15.65
CA THR A 111 1.97 2.60 -16.21
C THR A 111 0.61 2.97 -15.64
N ALA A 112 -0.31 3.36 -16.52
CA ALA A 112 -1.67 3.71 -16.13
C ALA A 112 -2.64 2.64 -16.63
N THR A 113 -3.80 2.59 -16.00
CA THR A 113 -4.91 1.80 -16.52
C THR A 113 -6.14 2.68 -16.56
N LYS A 114 -7.07 2.31 -17.44
CA LYS A 114 -8.41 2.89 -17.35
C LYS A 114 -9.06 2.45 -16.04
N VAL A 115 -9.84 3.34 -15.44
CA VAL A 115 -10.53 3.02 -14.19
C VAL A 115 -12.04 3.17 -14.29
N THR A 116 -12.56 3.44 -15.48
CA THR A 116 -14.01 3.55 -15.66
C THR A 116 -14.59 2.16 -15.90
N PRO A 117 -15.50 1.68 -15.06
CA PRO A 117 -15.99 0.29 -15.23
C PRO A 117 -16.54 0.00 -16.61
N SER A 118 -17.26 0.96 -17.20
CA SER A 118 -17.76 0.79 -18.56
C SER A 118 -16.63 0.57 -19.56
N GLN A 119 -15.48 1.20 -19.33
CA GLN A 119 -14.32 1.01 -20.20
C GLN A 119 -13.53 -0.26 -19.86
N LEU A 120 -14.02 -1.14 -18.99
CA LEU A 120 -13.28 -2.32 -18.56
C LEU A 120 -14.05 -3.61 -18.78
N GLU A 121 -15.08 -3.60 -19.63
CA GLU A 121 -15.74 -4.85 -19.96
C GLU A 121 -14.95 -5.68 -20.98
N ALA A 122 -14.08 -5.05 -21.76
CA ALA A 122 -13.25 -5.76 -22.72
C ALA A 122 -12.02 -4.92 -23.05
N ASN A 123 -11.06 -5.55 -23.74
CA ASN A 123 -9.87 -4.92 -24.31
C ASN A 123 -8.78 -4.57 -23.31
N ASP A 124 -7.59 -4.29 -23.84
CA ASP A 124 -6.42 -3.92 -23.05
C ASP A 124 -6.59 -2.52 -22.47
N PRO A 125 -6.51 -2.31 -21.13
CA PRO A 125 -6.79 -0.99 -20.55
C PRO A 125 -5.55 -0.18 -20.20
N VAL A 126 -4.39 -0.57 -20.73
CA VAL A 126 -3.11 -0.03 -20.28
C VAL A 126 -2.64 1.11 -21.18
N VAL A 127 -2.15 2.16 -20.56
CA VAL A 127 -1.43 3.24 -21.23
C VAL A 127 -0.10 3.39 -20.52
N VAL A 128 0.99 3.44 -21.27
CA VAL A 128 2.30 3.66 -20.69
C VAL A 128 2.91 4.92 -21.30
N GLY A 129 3.88 5.48 -20.59
CA GLY A 129 4.56 6.69 -21.06
C GLY A 129 5.57 7.12 -20.02
N ASN A 130 6.10 8.33 -20.19
CA ASN A 130 6.96 8.91 -19.16
C ASN A 130 6.56 10.35 -18.89
N VAL A 131 6.69 10.76 -17.63
CA VAL A 131 6.42 12.12 -17.18
C VAL A 131 7.76 12.77 -16.84
N GLN A 132 7.93 14.03 -17.26
CA GLN A 132 9.17 14.74 -16.95
C GLN A 132 8.91 15.90 -16.01
N PRO A 133 9.26 15.79 -14.72
CA PRO A 133 8.99 16.88 -13.78
C PRO A 133 9.68 18.19 -14.17
N TYR A 134 10.87 18.11 -14.77
CA TYR A 134 11.58 19.30 -15.22
C TYR A 134 10.97 19.94 -16.47
N ASN A 135 9.96 19.32 -17.08
CA ASN A 135 9.32 19.85 -18.28
C ASN A 135 8.60 21.17 -17.97
N PRO A 136 8.54 22.10 -18.94
CA PRO A 136 7.79 23.35 -18.69
C PRO A 136 6.28 23.18 -18.62
N GLN A 137 5.71 22.09 -19.13
CA GLN A 137 4.29 21.80 -19.01
C GLN A 137 3.93 20.99 -17.76
N PHE A 138 4.88 20.73 -16.87
CA PHE A 138 4.62 20.04 -15.61
C PHE A 138 4.07 21.07 -14.63
N ALA A 139 2.75 21.05 -14.40
CA ALA A 139 2.05 22.04 -13.58
C ALA A 139 1.12 21.34 -12.59
N PRO A 140 1.68 20.65 -11.58
CA PRO A 140 0.80 19.85 -10.71
C PRO A 140 -0.05 20.70 -9.77
N HIS A 141 0.48 21.80 -9.24
CA HIS A 141 -0.37 22.61 -8.36
C HIS A 141 -1.63 23.07 -9.07
N LEU A 142 -1.51 23.51 -10.32
CA LEU A 142 -2.68 23.95 -11.07
C LEU A 142 -3.44 22.80 -11.70
N GLY A 143 -2.97 21.56 -11.54
CA GLY A 143 -3.74 20.38 -11.88
C GLY A 143 -3.47 19.74 -13.23
N THR A 144 -2.31 20.00 -13.84
CA THR A 144 -2.08 19.49 -15.20
C THR A 144 -0.63 19.05 -15.38
N LEU A 145 -0.46 17.93 -16.08
CA LEU A 145 0.87 17.47 -16.50
C LEU A 145 0.74 16.80 -17.86
N VAL A 146 1.88 16.40 -18.43
CA VAL A 146 1.89 15.77 -19.75
C VAL A 146 2.64 14.44 -19.68
N VAL A 147 2.02 13.39 -20.21
CA VAL A 147 2.69 12.11 -20.42
C VAL A 147 3.37 12.13 -21.80
N GLU A 148 4.69 12.23 -21.81
CA GLU A 148 5.46 12.08 -23.03
C GLU A 148 5.42 10.65 -23.55
N ASN A 149 5.52 10.51 -24.87
CA ASN A 149 5.64 9.23 -25.55
C ASN A 149 4.57 8.19 -25.17
N PRO A 150 3.29 8.57 -25.17
CA PRO A 150 2.26 7.60 -24.81
C PRO A 150 2.24 6.38 -25.72
N THR A 151 2.04 5.20 -25.15
CA THR A 151 1.66 4.00 -25.89
C THR A 151 0.41 3.43 -25.24
N PRO A 152 -0.74 3.39 -25.93
CA PRO A 152 -1.05 3.79 -27.32
C PRO A 152 -0.80 5.28 -27.60
N ASP A 153 -0.62 5.61 -28.88
CA ASP A 153 -0.30 6.97 -29.29
C ASP A 153 -1.51 7.90 -29.20
N GLN A 154 -2.70 7.37 -29.41
CA GLN A 154 -3.94 8.12 -29.42
C GLN A 154 -4.86 7.54 -28.36
N VAL A 155 -5.05 8.26 -27.26
CA VAL A 155 -6.03 7.92 -26.24
C VAL A 155 -7.18 8.89 -26.35
N ALA A 156 -8.40 8.36 -26.37
CA ALA A 156 -9.58 9.20 -26.50
C ALA A 156 -9.64 10.23 -25.37
N THR A 157 -10.08 11.44 -25.73
CA THR A 157 -10.17 12.55 -24.80
C THR A 157 -11.13 12.24 -23.65
N GLY A 158 -10.77 12.70 -22.45
CA GLY A 158 -11.60 12.49 -21.30
C GLY A 158 -11.56 11.11 -20.68
N THR A 159 -10.60 10.26 -21.05
CA THR A 159 -10.50 8.94 -20.46
C THR A 159 -9.82 9.03 -19.08
N ASP A 160 -10.45 8.40 -18.09
CA ASP A 160 -9.96 8.40 -16.71
C ASP A 160 -8.85 7.37 -16.54
N LEU A 161 -7.66 7.83 -16.13
CA LEU A 161 -6.46 6.99 -16.04
C LEU A 161 -5.83 7.08 -14.64
N LEU A 162 -5.57 5.92 -14.01
CA LEU A 162 -4.83 5.85 -12.75
C LEU A 162 -3.37 5.48 -13.01
N PHE A 163 -2.43 6.33 -12.60
CA PHE A 163 -1.01 6.13 -12.90
C PHE A 163 -0.24 5.57 -11.70
N ASN A 164 0.67 4.64 -12.00
CA ASN A 164 1.73 4.25 -11.08
C ASN A 164 3.07 4.61 -11.70
N ILE A 165 4.06 4.79 -10.83
CA ILE A 165 5.45 4.91 -11.27
C ILE A 165 6.08 3.51 -11.32
N THR A 166 6.28 2.98 -12.53
CA THR A 166 6.96 1.70 -12.68
C THR A 166 8.43 1.81 -12.29
N TRP A 167 9.11 2.84 -12.79
CA TRP A 167 10.48 3.06 -12.36
C TRP A 167 10.84 4.53 -12.56
N LEU A 168 11.94 4.92 -11.95
CA LEU A 168 12.52 6.25 -12.08
C LEU A 168 13.89 6.15 -12.74
N SER A 169 14.25 7.17 -13.52
CA SER A 169 15.53 7.17 -14.19
C SER A 169 16.17 8.54 -14.11
N ASN A 170 17.50 8.55 -14.10
CA ASN A 170 18.23 9.80 -14.06
C ASN A 170 18.03 10.58 -15.35
N ARG A 171 18.17 11.90 -15.25
CA ARG A 171 18.39 12.71 -16.44
C ARG A 171 19.76 12.38 -17.02
N ALA A 172 19.88 12.50 -18.34
CA ALA A 172 21.17 12.30 -18.99
C ALA A 172 22.24 13.17 -18.33
N ASN A 173 23.43 12.60 -18.16
CA ASN A 173 24.60 13.26 -17.58
C ASN A 173 24.46 13.57 -16.10
N ASN A 174 23.37 13.17 -15.45
CA ASN A 174 23.17 13.39 -14.03
C ASN A 174 22.83 12.06 -13.38
N ARG A 175 22.97 12.02 -12.06
CA ARG A 175 22.44 10.90 -11.30
C ARG A 175 21.17 11.34 -10.58
N PHE A 176 20.25 10.39 -10.39
CA PHE A 176 18.93 10.67 -9.85
C PHE A 176 19.02 10.83 -8.33
N ASN A 177 18.80 12.06 -7.84
CA ASN A 177 18.80 12.32 -6.40
C ASN A 177 17.38 12.23 -5.86
N PRO A 178 17.03 11.18 -5.10
CA PRO A 178 15.66 11.07 -4.59
C PRO A 178 15.33 12.07 -3.49
N TRP A 179 16.28 12.91 -3.06
CA TRP A 179 15.96 13.97 -2.11
C TRP A 179 15.20 15.11 -2.77
N VAL A 180 15.38 15.30 -4.08
CA VAL A 180 14.90 16.48 -4.78
C VAL A 180 13.40 16.38 -4.99
N ILE A 181 12.65 17.35 -4.47
CA ILE A 181 11.21 17.39 -4.65
C ILE A 181 10.89 18.19 -5.92
N PRO A 182 9.72 18.00 -6.53
CA PRO A 182 9.42 18.73 -7.77
C PRO A 182 9.18 20.21 -7.52
N ASN A 183 9.26 20.97 -8.60
CA ASN A 183 8.78 22.35 -8.62
C ASN A 183 7.29 22.26 -8.87
N TYR A 184 6.48 22.60 -7.87
CA TYR A 184 5.04 22.37 -8.00
C TYR A 184 4.32 23.48 -8.76
N GLY A 185 4.94 24.66 -8.90
CA GLY A 185 4.29 25.79 -9.53
C GLY A 185 4.58 27.09 -8.82
N SER A 186 4.13 28.21 -9.38
CA SER A 186 4.39 29.52 -8.80
C SER A 186 3.21 30.09 -8.01
N THR A 187 2.03 29.49 -8.15
CA THR A 187 0.77 30.04 -7.63
C THR A 187 0.47 29.57 -6.19
N LEU A 188 1.48 29.47 -5.31
CA LEU A 188 1.37 28.70 -4.07
C LEU A 188 0.78 29.55 -2.92
N THR A 189 -0.53 29.41 -2.70
CA THR A 189 -1.22 30.12 -1.63
C THR A 189 -0.81 29.60 -0.24
N GLU A 190 -1.30 30.28 0.80
CA GLU A 190 -0.93 29.91 2.17
C GLU A 190 -1.54 28.58 2.57
N ALA A 191 -2.79 28.34 2.17
CA ALA A 191 -3.43 27.05 2.45
C ALA A 191 -2.68 25.90 1.76
N ALA A 192 -2.11 26.15 0.59
CA ALA A 192 -1.47 25.13 -0.24
C ALA A 192 0.03 25.07 -0.01
N GLN A 193 0.52 25.64 1.09
CA GLN A 193 1.95 25.71 1.34
C GLN A 193 2.58 24.32 1.39
N LEU A 194 3.83 24.24 0.93
CA LEU A 194 4.60 23.01 1.01
C LEU A 194 4.84 22.63 2.47
N ALA A 195 5.12 21.35 2.69
CA ALA A 195 5.61 20.96 3.99
C ALA A 195 6.94 21.66 4.24
N PRO A 196 7.19 22.18 5.44
CA PRO A 196 8.44 22.90 5.68
C PRO A 196 9.64 21.97 5.55
N SER A 197 10.80 22.57 5.31
CA SER A 197 12.00 21.77 5.33
C SER A 197 12.42 21.52 6.77
N ILE A 198 13.23 20.48 6.97
CA ILE A 198 13.63 20.06 8.30
C ILE A 198 15.10 20.38 8.51
N PHE A 199 15.39 21.10 9.58
CA PHE A 199 16.78 21.44 9.76
C PHE A 199 17.40 20.62 10.89
N PRO A 200 18.69 20.29 10.78
CA PRO A 200 19.28 19.32 11.71
C PRO A 200 19.13 19.79 13.14
N PRO A 201 19.01 18.87 14.09
CA PRO A 201 18.34 19.19 15.35
C PRO A 201 19.27 19.54 16.51
N GLY A 202 20.56 19.38 16.36
CA GLY A 202 21.45 19.69 17.47
C GLY A 202 21.64 18.51 18.41
N PHE A 203 22.49 18.74 19.42
CA PHE A 203 22.83 17.74 20.43
C PHE A 203 23.44 16.51 19.78
N GLY A 204 24.25 16.72 18.75
CA GLY A 204 24.87 15.63 18.01
C GLY A 204 23.90 14.72 17.31
N GLU A 205 22.67 15.19 17.07
CA GLU A 205 21.67 14.35 16.43
C GLU A 205 21.71 14.53 14.92
N THR A 206 21.25 13.50 14.22
CA THR A 206 21.14 13.53 12.77
C THR A 206 19.86 12.81 12.40
N ILE A 207 19.28 13.22 11.27
CA ILE A 207 17.99 12.71 10.84
C ILE A 207 18.12 11.26 10.39
N VAL A 208 17.14 10.43 10.75
CA VAL A 208 17.13 9.03 10.35
C VAL A 208 16.17 8.88 9.17
N TYR A 209 16.64 8.23 8.10
CA TYR A 209 15.82 7.98 6.94
C TYR A 209 15.49 6.49 6.86
N PHE A 210 14.26 6.20 6.50
CA PHE A 210 13.82 4.83 6.29
C PHE A 210 13.88 4.55 4.79
N ASN A 211 14.75 3.61 4.38
CA ASN A 211 15.03 3.36 2.97
C ASN A 211 14.22 2.18 2.45
N SER A 212 13.94 2.22 1.16
CA SER A 212 13.42 1.09 0.41
C SER A 212 14.31 0.85 -0.80
N THR A 213 14.46 -0.42 -1.19
CA THR A 213 14.97 -0.70 -2.52
C THR A 213 13.84 -0.52 -3.53
N PHE A 214 14.12 0.23 -4.61
CA PHE A 214 13.08 0.61 -5.55
C PHE A 214 13.72 0.75 -6.92
N PRO A 215 13.00 0.40 -7.99
CA PRO A 215 13.59 0.54 -9.34
C PRO A 215 13.83 1.99 -9.72
N ALA A 216 14.88 2.58 -9.16
CA ALA A 216 15.27 3.96 -9.48
C ALA A 216 16.65 3.88 -10.12
N VAL A 217 16.68 4.01 -11.45
CA VAL A 217 17.88 3.70 -12.22
C VAL A 217 18.84 4.89 -12.16
N GLY A 218 20.11 4.60 -11.95
CA GLY A 218 21.11 5.65 -11.93
C GLY A 218 20.96 6.61 -10.77
N ALA A 219 20.59 6.11 -9.60
CA ALA A 219 20.34 6.98 -8.47
C ALA A 219 21.64 7.35 -7.77
N THR A 220 21.59 8.45 -7.02
CA THR A 220 22.73 8.83 -6.19
C THR A 220 22.90 7.91 -4.98
N THR A 221 21.95 7.00 -4.74
CA THR A 221 21.89 6.22 -3.52
C THR A 221 21.91 4.73 -3.81
N HIS A 222 22.07 4.33 -5.06
CA HIS A 222 22.09 2.91 -5.40
C HIS A 222 20.73 2.27 -5.13
N ALA A 223 19.70 2.78 -5.83
CA ALA A 223 18.36 2.22 -5.87
C ALA A 223 17.62 2.28 -4.52
N ALA A 224 17.93 3.27 -3.67
CA ALA A 224 17.32 3.41 -2.35
C ALA A 224 16.54 4.71 -2.23
N ILE A 225 15.27 4.61 -1.86
CA ILE A 225 14.41 5.77 -1.71
C ILE A 225 14.23 6.06 -0.23
N PRO A 226 14.61 7.24 0.25
CA PRO A 226 14.44 7.59 1.66
C PRO A 226 13.14 8.33 1.92
N CYS A 227 12.66 8.16 3.16
CA CYS A 227 11.47 8.85 3.66
C CYS A 227 11.65 9.08 5.16
N LEU A 228 10.90 10.05 5.71
CA LEU A 228 11.07 10.43 7.09
C LEU A 228 10.29 9.56 8.07
N LEU A 229 9.22 8.92 7.60
CA LEU A 229 8.33 8.18 8.45
C LEU A 229 7.78 7.02 7.65
N PRO A 230 7.71 5.84 8.23
CA PRO A 230 6.96 4.76 7.58
C PRO A 230 5.51 5.17 7.40
N GLN A 231 4.92 4.72 6.29
CA GLN A 231 3.51 5.02 6.04
C GLN A 231 2.66 4.57 7.23
N GLU A 232 2.99 3.42 7.81
CA GLU A 232 2.23 2.93 8.97
C GLU A 232 2.25 3.91 10.13
N PHE A 233 3.38 4.58 10.37
CA PHE A 233 3.41 5.64 11.36
C PHE A 233 2.37 6.72 11.04
N VAL A 234 2.40 7.24 9.81
CA VAL A 234 1.42 8.23 9.35
C VAL A 234 0.00 7.74 9.60
N ALA A 235 -0.31 6.55 9.12
CA ALA A 235 -1.64 5.99 9.36
C ALA A 235 -1.94 5.90 10.84
N HIS A 236 -0.92 5.68 11.68
CA HIS A 236 -1.09 5.53 13.12
C HIS A 236 -1.36 6.86 13.80
N PHE A 237 -0.55 7.88 13.50
CA PHE A 237 -0.75 9.20 14.08
C PHE A 237 -2.09 9.78 13.65
N VAL A 238 -2.48 9.59 12.40
CA VAL A 238 -3.77 10.09 11.95
C VAL A 238 -4.91 9.40 12.70
N ASN A 239 -4.80 8.08 12.88
CA ASN A 239 -5.84 7.33 13.59
C ASN A 239 -5.91 7.72 15.07
N GLU A 240 -4.75 7.90 15.71
CA GLU A 240 -4.71 8.07 17.16
C GLU A 240 -5.07 9.49 17.58
N GLN A 241 -4.55 10.50 16.89
CA GLN A 241 -4.78 11.89 17.24
C GLN A 241 -4.38 12.18 18.68
N ALA A 242 -3.33 11.51 19.15
CA ALA A 242 -2.84 11.73 20.50
C ALA A 242 -2.21 13.11 20.60
N PRO A 243 -2.61 13.94 21.57
CA PRO A 243 -2.07 15.30 21.64
C PRO A 243 -0.60 15.29 22.03
N ILE A 244 0.12 16.33 21.61
CA ILE A 244 1.53 16.49 21.91
C ILE A 244 1.71 16.93 23.37
N ARG A 245 2.50 16.17 24.13
CA ARG A 245 2.63 16.41 25.58
C ARG A 245 4.08 16.49 26.01
N GLY A 246 4.96 16.89 25.10
CA GLY A 246 6.39 17.05 25.39
C GLY A 246 7.08 17.63 24.17
N GLU A 247 8.36 17.98 24.36
CA GLU A 247 9.13 18.60 23.29
C GLU A 247 9.62 17.59 22.26
N ALA A 248 9.78 16.33 22.66
CA ALA A 248 10.10 15.24 21.73
C ALA A 248 9.58 13.94 22.34
N ALA A 249 9.58 12.89 21.54
CA ALA A 249 9.19 11.57 22.04
C ALA A 249 10.37 10.60 21.94
N LEU A 250 10.74 9.99 23.07
CA LEU A 250 11.84 9.03 23.12
C LEU A 250 11.32 7.66 22.73
N LEU A 251 11.97 7.03 21.75
CA LEU A 251 11.65 5.68 21.33
C LEU A 251 12.86 4.79 21.59
N HIS A 252 12.57 3.54 21.90
CA HIS A 252 13.58 2.48 21.88
C HIS A 252 13.30 1.56 20.70
N TYR A 253 14.35 1.07 20.09
CA TYR A 253 14.22 0.13 18.99
C TYR A 253 14.60 -1.23 19.54
N ILE A 254 13.62 -2.13 19.65
CA ILE A 254 13.72 -3.34 20.47
C ILE A 254 13.82 -4.57 19.58
N ASP A 255 14.78 -5.42 19.88
CA ASP A 255 14.71 -6.80 19.41
C ASP A 255 13.44 -7.43 20.00
N PRO A 256 12.45 -7.78 19.18
CA PRO A 256 11.19 -8.28 19.77
C PRO A 256 11.26 -9.73 20.23
N ASP A 257 12.38 -10.41 20.01
CA ASP A 257 12.66 -11.70 20.65
C ASP A 257 13.19 -11.48 22.07
N THR A 258 14.53 -11.29 22.15
CA THR A 258 15.24 -11.01 23.40
C THR A 258 14.63 -9.87 24.20
N HIS A 259 13.77 -9.05 23.59
CA HIS A 259 13.19 -7.86 24.19
C HIS A 259 14.23 -6.82 24.60
N ARG A 260 15.45 -6.91 24.06
CA ARG A 260 16.53 -6.02 24.44
C ARG A 260 16.59 -4.74 23.57
N ASN A 261 17.18 -3.70 24.14
CA ASN A 261 17.23 -2.36 23.57
C ASN A 261 18.36 -2.29 22.55
N LEU A 262 18.00 -2.15 21.26
CA LEU A 262 19.00 -2.02 20.19
C LEU A 262 19.42 -0.58 19.93
N GLY A 263 18.61 0.41 20.31
CA GLY A 263 19.00 1.79 20.08
C GLY A 263 17.96 2.77 20.59
N GLU A 264 18.46 3.98 20.86
CA GLU A 264 17.62 5.08 21.31
C GLU A 264 17.40 6.06 20.16
N PHE A 265 16.17 6.56 20.06
CA PHE A 265 15.80 7.50 19.02
C PHE A 265 14.86 8.54 19.62
N LYS A 266 14.84 9.70 19.00
CA LYS A 266 13.85 10.74 19.27
C LYS A 266 13.02 10.94 18.02
N ILE A 267 11.71 11.08 18.19
CA ILE A 267 10.82 11.49 17.12
C ILE A 267 10.19 12.80 17.54
N TYR A 268 10.34 13.83 16.70
CA TYR A 268 10.00 15.20 17.05
C TYR A 268 8.58 15.51 16.63
N PRO A 269 7.95 16.52 17.26
CA PRO A 269 6.54 16.81 16.95
C PRO A 269 6.30 17.12 15.49
N GLU A 270 7.24 17.81 14.82
CA GLU A 270 7.13 18.10 13.39
C GLU A 270 7.13 16.85 12.53
N GLY A 271 7.55 15.71 13.06
CA GLY A 271 7.32 14.45 12.36
C GLY A 271 8.53 13.83 11.71
N PHE A 272 9.64 13.78 12.43
CA PHE A 272 10.84 13.13 11.90
C PHE A 272 11.61 12.51 13.06
N VAL A 273 12.49 11.56 12.71
CA VAL A 273 13.25 10.76 13.67
C VAL A 273 14.72 11.13 13.60
N THR A 274 15.37 11.17 14.76
CA THR A 274 16.80 11.43 14.82
C THR A 274 17.46 10.38 15.69
N CYS A 275 18.80 10.36 15.64
CA CYS A 275 19.64 9.54 16.50
C CYS A 275 21.01 10.21 16.62
N VAL A 276 21.86 9.65 17.47
CA VAL A 276 23.26 10.06 17.57
C VAL A 276 24.10 8.86 17.10
N PRO A 277 24.68 8.90 15.91
CA PRO A 277 25.52 7.78 15.48
C PRO A 277 26.75 7.66 16.35
N ASN A 278 27.06 6.42 16.75
CA ASN A 278 28.39 6.15 17.28
C ASN A 278 29.42 6.59 16.25
N VAL A 279 30.38 7.39 16.70
CA VAL A 279 31.19 8.19 15.77
C VAL A 279 32.01 7.29 14.86
N GLY A 280 32.04 7.64 13.57
CA GLY A 280 32.80 6.89 12.60
C GLY A 280 32.13 5.64 12.07
N GLY A 281 30.85 5.44 12.36
CA GLY A 281 30.10 4.30 11.87
C GLY A 281 28.86 4.75 11.10
N THR A 282 28.10 3.75 10.68
CA THR A 282 26.89 4.01 9.89
C THR A 282 25.68 4.37 10.76
N GLY A 283 25.84 4.46 12.08
CA GLY A 283 24.73 4.72 12.95
C GLY A 283 23.74 3.56 12.94
N PRO A 284 22.46 3.87 12.71
CA PRO A 284 21.43 2.82 12.74
C PRO A 284 21.51 1.81 11.62
N GLN A 285 22.35 2.02 10.61
CA GLN A 285 22.31 1.15 9.44
C GLN A 285 22.77 -0.27 9.77
N SER A 286 23.67 -0.44 10.75
CA SER A 286 24.16 -1.77 11.10
C SER A 286 23.18 -2.59 11.92
N LEU A 287 22.14 -1.99 12.48
CA LEU A 287 21.22 -2.70 13.35
C LEU A 287 20.34 -3.65 12.54
N PRO A 288 19.91 -4.76 13.14
CA PRO A 288 18.95 -5.63 12.45
C PRO A 288 17.69 -4.86 12.07
N THR A 289 17.08 -5.27 10.97
CA THR A 289 15.92 -4.58 10.45
C THR A 289 14.62 -5.22 10.89
N ASN A 290 14.69 -6.25 11.73
CA ASN A 290 13.47 -6.83 12.27
C ASN A 290 13.14 -6.30 13.67
N GLY A 291 13.76 -5.21 14.09
CA GLY A 291 13.42 -4.62 15.38
C GLY A 291 12.09 -3.88 15.33
N VAL A 292 11.66 -3.43 16.51
CA VAL A 292 10.37 -2.78 16.67
C VAL A 292 10.57 -1.50 17.48
N PHE A 293 9.89 -0.43 17.06
CA PHE A 293 9.91 0.83 17.82
C PHE A 293 8.85 0.82 18.90
N VAL A 294 9.21 1.34 20.08
CA VAL A 294 8.28 1.45 21.20
C VAL A 294 8.48 2.82 21.84
N PHE A 295 7.36 3.47 22.17
CA PHE A 295 7.39 4.74 22.89
C PHE A 295 7.77 4.52 24.36
N VAL A 296 8.73 5.32 24.85
CA VAL A 296 9.18 5.24 26.24
C VAL A 296 8.56 6.37 27.06
N SER A 297 8.85 7.61 26.68
CA SER A 297 8.27 8.79 27.32
C SER A 297 8.48 9.98 26.40
N TRP A 298 7.70 11.02 26.66
CA TRP A 298 8.09 12.33 26.18
C TRP A 298 9.36 12.77 26.91
N VAL A 299 10.12 13.64 26.25
CA VAL A 299 11.38 14.17 26.77
C VAL A 299 11.51 15.58 26.25
N SER A 300 12.46 16.34 26.80
CA SER A 300 12.75 17.66 26.26
C SER A 300 13.74 17.55 25.10
N ARG A 301 13.92 18.68 24.40
CA ARG A 301 14.80 18.69 23.26
C ARG A 301 16.25 18.42 23.66
N TYR A 302 16.62 18.68 24.91
CA TYR A 302 18.03 18.48 25.26
C TYR A 302 18.33 17.13 25.87
N TYR A 303 17.39 16.18 25.82
CA TYR A 303 17.69 14.82 26.23
C TYR A 303 18.78 14.23 25.34
N GLN A 304 19.87 13.74 25.93
CA GLN A 304 20.99 13.26 25.13
C GLN A 304 20.86 11.75 24.88
N LEU A 305 20.81 11.37 23.61
CA LEU A 305 20.66 9.97 23.22
C LEU A 305 21.99 9.23 23.34
N LYS A 306 21.93 7.98 23.78
CA LYS A 306 23.12 7.12 23.73
C LYS A 306 23.49 6.90 22.26
N PRO A 307 24.76 7.01 21.90
CA PRO A 307 25.16 6.73 20.51
C PRO A 307 24.66 5.40 20.00
N VAL A 308 24.17 5.40 18.78
CA VAL A 308 23.65 4.19 18.17
C VAL A 308 24.68 3.67 17.15
N GLY A 309 24.77 2.35 17.03
CA GLY A 309 25.63 1.74 16.04
C GLY A 309 27.02 1.44 16.55
N THR A 310 27.84 0.91 15.65
CA THR A 310 29.25 0.60 15.93
C THR A 310 30.15 1.73 15.44
N ALA A 311 31.38 1.72 15.95
CA ALA A 311 32.35 2.76 15.62
C ALA A 311 32.87 2.66 14.19
N GLY A 312 32.58 1.57 13.48
CA GLY A 312 32.99 1.41 12.09
C GLY A 312 33.95 0.26 11.87
N THR B 3 -5.99 -7.27 29.22
CA THR B 3 -6.55 -5.95 29.55
C THR B 3 -6.44 -4.99 28.36
N LYS B 4 -5.94 -5.48 27.22
CA LYS B 4 -5.86 -4.66 26.00
C LYS B 4 -7.22 -4.74 25.30
N GLN B 5 -7.97 -3.65 25.32
CA GLN B 5 -9.33 -3.71 24.81
C GLN B 5 -9.32 -3.66 23.28
N PHE B 6 -10.34 -4.26 22.69
CA PHE B 6 -10.39 -4.41 21.24
C PHE B 6 -10.92 -3.13 20.59
N SER B 7 -10.47 -2.87 19.37
CA SER B 7 -10.96 -1.71 18.60
C SER B 7 -10.65 -1.93 17.13
N VAL B 8 -11.26 -1.10 16.29
CA VAL B 8 -11.00 -1.08 14.84
C VAL B 8 -10.40 0.27 14.48
N PRO B 9 -9.58 0.37 13.44
CA PRO B 9 -9.10 1.70 13.05
C PRO B 9 -10.29 2.62 12.79
N ASN B 10 -10.17 3.86 13.24
CA ASN B 10 -11.25 4.83 13.04
C ASN B 10 -10.95 5.74 11.85
N LEU B 11 -10.61 5.14 10.71
CA LEU B 11 -10.38 5.79 9.43
C LEU B 11 -11.62 5.70 8.55
N PRO B 12 -12.00 6.76 7.84
CA PRO B 12 -13.14 6.66 6.91
C PRO B 12 -12.92 5.51 5.91
N LEU B 13 -14.01 4.81 5.61
CA LEU B 13 -13.95 3.68 4.69
C LEU B 13 -13.25 4.06 3.38
N ASN B 14 -13.66 5.18 2.79
CA ASN B 14 -13.14 5.54 1.46
C ASN B 14 -11.69 6.04 1.48
N VAL B 15 -11.01 6.13 2.63
CA VAL B 15 -9.57 6.28 2.63
C VAL B 15 -8.87 4.98 3.02
N MET B 16 -9.63 3.92 3.26
CA MET B 16 -9.00 2.63 3.54
C MET B 16 -8.86 1.85 2.22
N SER B 17 -8.07 0.78 2.27
CA SER B 17 -7.58 0.10 1.06
C SER B 17 -7.95 -1.37 1.05
N ASN B 18 -7.99 -1.92 -0.16
CA ASN B 18 -8.30 -3.33 -0.33
C ASN B 18 -7.20 -4.17 0.29
N SER B 19 -7.57 -5.37 0.71
CA SER B 19 -6.58 -6.32 1.22
C SER B 19 -6.27 -7.42 0.22
N ARG B 20 -6.84 -7.36 -0.99
CA ARG B 20 -6.51 -8.30 -2.05
C ARG B 20 -5.96 -7.65 -3.32
N VAL B 21 -6.14 -6.36 -3.53
CA VAL B 21 -5.40 -5.61 -4.55
C VAL B 21 -4.96 -4.31 -3.89
N PRO B 22 -3.86 -3.71 -4.32
CA PRO B 22 -3.47 -2.39 -3.77
C PRO B 22 -4.33 -1.28 -4.36
N SER B 23 -5.55 -1.13 -3.83
CA SER B 23 -6.51 -0.16 -4.35
C SER B 23 -7.33 0.42 -3.20
N LEU B 24 -7.75 1.68 -3.37
CA LEU B 24 -8.68 2.31 -2.44
C LEU B 24 -9.98 1.53 -2.39
N LEU B 25 -10.60 1.51 -1.21
CA LEU B 25 -11.99 1.06 -1.09
C LEU B 25 -12.92 2.18 -1.50
N ASN B 26 -13.99 1.84 -2.21
CA ASN B 26 -14.95 2.86 -2.64
C ASN B 26 -16.38 2.36 -2.57
N ALA B 27 -16.63 1.23 -1.92
CA ALA B 27 -17.97 0.69 -1.76
C ALA B 27 -17.92 -0.40 -0.71
N MET B 28 -19.08 -0.72 -0.15
CA MET B 28 -19.28 -1.98 0.52
C MET B 28 -20.60 -2.53 0.00
N VAL B 29 -20.67 -3.85 -0.16
CA VAL B 29 -21.79 -4.54 -0.80
C VAL B 29 -22.10 -5.78 0.00
N VAL B 30 -23.22 -6.41 -0.33
CA VAL B 30 -23.53 -7.77 0.08
C VAL B 30 -23.90 -8.56 -1.16
N SER B 31 -23.60 -9.86 -1.13
CA SER B 31 -23.91 -10.76 -2.25
C SER B 31 -24.36 -12.10 -1.68
N PRO B 32 -25.55 -12.12 -1.06
CA PRO B 32 -26.03 -13.38 -0.45
C PRO B 32 -26.32 -14.48 -1.47
N ASP B 33 -27.08 -14.12 -2.50
CA ASP B 33 -27.66 -15.11 -3.40
C ASP B 33 -26.59 -15.96 -4.06
N GLN B 34 -25.71 -15.33 -4.84
CA GLN B 34 -24.65 -16.05 -5.55
C GLN B 34 -23.65 -16.63 -4.56
N ALA B 35 -24.16 -17.48 -3.64
CA ALA B 35 -23.46 -17.93 -2.44
C ALA B 35 -22.38 -18.97 -2.71
N GLN B 36 -21.61 -18.80 -3.78
CA GLN B 36 -20.45 -19.65 -4.02
C GLN B 36 -19.42 -19.45 -2.90
N VAL B 37 -18.43 -20.36 -2.85
CA VAL B 37 -17.55 -20.46 -1.68
C VAL B 37 -16.82 -19.15 -1.44
N VAL B 38 -16.75 -18.75 -0.17
CA VAL B 38 -16.06 -17.55 0.26
C VAL B 38 -14.81 -18.03 0.97
N GLN B 39 -13.66 -17.93 0.32
CA GLN B 39 -12.45 -18.51 0.88
C GLN B 39 -11.21 -17.76 0.41
N PHE B 40 -11.26 -16.43 0.48
CA PHE B 40 -10.09 -15.64 0.11
C PHE B 40 -8.89 -16.03 0.94
N GLN B 41 -7.70 -15.83 0.40
CA GLN B 41 -6.46 -16.13 1.11
C GLN B 41 -5.72 -14.89 1.57
N ASN B 42 -5.90 -13.77 0.88
CA ASN B 42 -5.45 -12.48 1.36
C ASN B 42 -6.60 -11.76 2.08
N GLY B 43 -6.24 -10.76 2.88
CA GLY B 43 -7.20 -10.08 3.76
C GLY B 43 -7.89 -10.96 4.79
N ARG B 44 -7.13 -11.83 5.46
CA ARG B 44 -7.67 -12.80 6.42
C ARG B 44 -6.92 -12.65 7.72
N CYS B 45 -7.63 -12.34 8.79
CA CYS B 45 -6.96 -12.06 10.05
C CYS B 45 -7.98 -12.17 11.17
N THR B 46 -7.58 -12.78 12.30
CA THR B 46 -8.47 -12.89 13.44
C THR B 46 -8.50 -11.56 14.18
N LEU B 47 -9.51 -11.39 15.04
CA LEU B 47 -9.63 -10.14 15.78
C LEU B 47 -8.48 -9.95 16.77
N ASP B 48 -7.88 -11.04 17.24
CA ASP B 48 -6.69 -10.90 18.06
C ASP B 48 -5.41 -10.88 17.24
N GLY B 49 -5.52 -10.74 15.92
CA GLY B 49 -4.37 -10.40 15.11
C GLY B 49 -3.50 -11.53 14.61
N GLN B 50 -4.07 -12.71 14.32
CA GLN B 50 -3.35 -13.79 13.65
C GLN B 50 -3.75 -13.82 12.18
N MET B 51 -2.79 -13.62 11.30
CA MET B 51 -3.08 -13.66 9.87
C MET B 51 -3.18 -15.10 9.38
N LEU B 52 -4.07 -15.32 8.42
CA LEU B 52 -4.31 -16.65 7.87
C LEU B 52 -3.99 -16.68 6.37
N GLY B 53 -3.90 -17.90 5.83
CA GLY B 53 -3.60 -18.08 4.42
C GLY B 53 -2.30 -17.40 4.03
N THR B 54 -2.36 -16.54 3.03
CA THR B 54 -1.18 -15.82 2.55
C THR B 54 -1.17 -14.36 3.00
N THR B 55 -2.06 -13.99 3.92
CA THR B 55 -2.19 -12.60 4.32
C THR B 55 -0.91 -12.06 4.95
N THR B 56 -0.44 -10.92 4.45
CA THR B 56 0.64 -10.18 5.10
C THR B 56 0.11 -8.89 5.73
N VAL B 57 0.86 -8.36 6.69
CA VAL B 57 0.50 -7.08 7.30
C VAL B 57 0.85 -5.91 6.41
N SER B 58 1.61 -6.16 5.35
CA SER B 58 2.35 -5.13 4.63
C SER B 58 1.57 -4.69 3.40
N ALA B 59 1.01 -3.46 3.44
CA ALA B 59 0.16 -2.99 2.35
C ALA B 59 0.82 -3.14 0.98
N SER B 60 2.13 -2.89 0.92
CA SER B 60 2.88 -2.93 -0.31
C SER B 60 3.17 -4.35 -0.81
N CYS B 61 2.70 -5.38 -0.12
CA CYS B 61 2.90 -6.76 -0.56
C CYS B 61 1.63 -7.39 -1.10
N VAL B 62 0.49 -6.77 -0.86
CA VAL B 62 -0.80 -7.26 -1.31
C VAL B 62 -0.77 -7.41 -2.82
N ALA B 63 -0.88 -8.66 -3.29
CA ALA B 63 -0.88 -9.03 -4.71
C ALA B 63 0.42 -8.63 -5.42
N ARG B 64 1.56 -8.82 -4.76
CA ARG B 64 2.88 -8.72 -5.38
C ARG B 64 3.61 -10.03 -5.20
N PHE B 65 4.34 -10.48 -6.20
CA PHE B 65 5.16 -11.67 -6.02
C PHE B 65 6.55 -11.40 -6.57
N ARG B 66 7.53 -12.13 -6.04
CA ARG B 66 8.92 -11.88 -6.39
C ARG B 66 9.62 -13.21 -6.63
N GLY B 67 10.52 -13.23 -7.60
CA GLY B 67 11.22 -14.48 -7.86
C GLY B 67 12.41 -14.27 -8.76
N LYS B 68 13.20 -15.32 -8.88
CA LYS B 68 14.34 -15.35 -9.79
C LYS B 68 13.99 -16.15 -11.04
N THR B 69 14.49 -15.69 -12.17
CA THR B 69 14.14 -16.25 -13.47
C THR B 69 14.97 -17.49 -13.78
N PHE B 70 14.35 -18.41 -14.51
CA PHE B 70 15.06 -19.44 -15.24
C PHE B 70 14.35 -19.65 -16.57
N GLN B 71 15.02 -20.36 -17.48
CA GLN B 71 14.46 -20.61 -18.80
C GLN B 71 13.60 -21.87 -18.78
N ALA B 72 12.37 -21.74 -19.24
CA ALA B 72 11.40 -22.81 -19.44
C ALA B 72 11.20 -23.07 -20.94
N PRO B 73 10.56 -24.18 -21.31
CA PRO B 73 10.40 -24.48 -22.74
C PRO B 73 9.64 -23.38 -23.48
N ASP B 74 10.06 -23.14 -24.73
CA ASP B 74 9.34 -22.29 -25.70
C ASP B 74 9.37 -20.81 -25.29
N ASN B 75 10.54 -20.35 -24.88
CA ASN B 75 10.75 -18.95 -24.45
C ASN B 75 9.70 -18.49 -23.46
N ARG B 76 9.23 -19.39 -22.60
CA ARG B 76 8.53 -19.02 -21.37
C ARG B 76 9.57 -18.67 -20.31
N LEU B 77 9.19 -17.81 -19.36
CA LEU B 77 10.13 -17.28 -18.35
C LEU B 77 9.77 -17.81 -16.96
N GLY B 78 10.39 -18.92 -16.57
CA GLY B 78 10.09 -19.51 -15.28
C GLY B 78 10.56 -18.62 -14.14
N ILE B 79 9.76 -18.60 -13.07
CA ILE B 79 10.07 -17.80 -11.87
C ILE B 79 10.16 -18.73 -10.66
N ASN B 80 11.29 -18.66 -9.95
CA ASN B 80 11.43 -19.32 -8.65
C ASN B 80 11.11 -18.32 -7.53
N LEU B 81 9.93 -18.47 -6.95
CA LEU B 81 9.41 -17.49 -6.01
C LEU B 81 10.27 -17.39 -4.74
N ALA B 82 10.35 -16.16 -4.21
CA ALA B 82 10.84 -15.84 -2.87
C ALA B 82 9.80 -14.93 -2.21
N GLU B 83 10.03 -14.59 -0.94
CA GLU B 83 9.20 -13.55 -0.32
C GLU B 83 9.52 -12.19 -0.93
N ILE B 84 8.54 -11.28 -0.92
CA ILE B 84 8.76 -9.94 -1.47
C ILE B 84 9.92 -9.27 -0.76
N SER B 85 10.09 -9.55 0.53
CA SER B 85 11.21 -9.05 1.31
C SER B 85 12.55 -9.52 0.80
N GLY B 86 12.57 -10.50 -0.10
CA GLY B 86 13.78 -11.15 -0.58
C GLY B 86 14.13 -12.43 0.15
N GLU B 87 13.68 -12.59 1.39
CA GLU B 87 14.04 -13.77 2.14
C GLU B 87 13.48 -15.01 1.44
N PRO B 88 14.14 -16.18 1.57
CA PRO B 88 13.74 -17.35 0.78
C PRO B 88 12.33 -17.79 1.10
N TYR B 89 11.66 -18.34 0.09
CA TYR B 89 10.38 -19.03 0.26
C TYR B 89 10.60 -20.55 0.23
N HIS B 90 10.10 -21.23 1.26
CA HIS B 90 10.15 -22.67 1.32
C HIS B 90 8.73 -23.23 1.31
N ALA B 91 8.57 -24.37 0.65
CA ALA B 91 7.29 -25.04 0.54
C ALA B 91 6.88 -25.62 1.89
N PHE B 92 5.64 -26.10 1.96
CA PHE B 92 5.09 -26.89 3.07
C PHE B 92 4.81 -26.09 4.32
N GLU B 93 4.89 -24.76 4.26
CA GLU B 93 4.70 -23.93 5.43
C GLU B 93 3.51 -22.98 5.31
N SER B 94 3.29 -22.37 4.14
CA SER B 94 2.16 -21.51 3.85
C SER B 94 1.60 -21.91 2.50
N PRO B 95 0.35 -21.50 2.18
CA PRO B 95 -0.19 -21.84 0.85
C PRO B 95 0.66 -21.32 -0.31
N ALA B 96 1.36 -20.22 -0.10
CA ALA B 96 2.11 -19.52 -1.12
C ALA B 96 2.89 -18.43 -0.39
N PRO B 97 3.76 -17.67 -1.05
CA PRO B 97 4.46 -16.60 -0.33
C PRO B 97 3.49 -15.53 0.18
N LEU B 98 3.99 -14.72 1.12
CA LEU B 98 3.16 -13.69 1.75
C LEU B 98 2.71 -12.66 0.72
N GLY B 99 1.40 -12.43 0.64
CA GLY B 99 0.83 -11.42 -0.24
C GLY B 99 0.56 -11.91 -1.64
N PHE B 100 0.92 -13.16 -1.95
CA PHE B 100 0.70 -13.77 -3.25
C PHE B 100 -0.77 -13.61 -3.66
N PRO B 101 -1.06 -13.25 -4.92
CA PRO B 101 -2.43 -12.87 -5.27
C PRO B 101 -3.32 -14.09 -5.32
N ASP B 102 -4.59 -13.89 -5.01
CA ASP B 102 -5.48 -15.02 -4.78
C ASP B 102 -6.66 -15.01 -5.74
N PHE B 103 -6.41 -14.64 -6.99
CA PHE B 103 -7.39 -14.79 -8.07
C PHE B 103 -6.98 -15.96 -8.95
N GLY B 104 -7.86 -16.95 -9.05
CA GLY B 104 -7.59 -18.09 -9.89
C GLY B 104 -8.33 -18.13 -11.20
N ASP B 105 -9.21 -17.17 -11.46
CA ASP B 105 -10.18 -17.27 -12.54
C ASP B 105 -9.83 -16.40 -13.73
N GLY B 106 -8.67 -15.77 -13.74
CA GLY B 106 -8.32 -15.06 -14.96
C GLY B 106 -6.83 -14.88 -15.10
N ASP B 107 -6.42 -14.49 -16.31
CA ASP B 107 -5.04 -14.15 -16.56
C ASP B 107 -4.62 -12.95 -15.73
N TRP B 108 -3.39 -13.00 -15.21
CA TRP B 108 -2.77 -11.85 -14.58
C TRP B 108 -1.80 -11.24 -15.57
N HIS B 109 -2.03 -9.99 -15.94
CA HIS B 109 -1.07 -9.24 -16.75
C HIS B 109 -0.15 -8.47 -15.80
N VAL B 110 1.14 -8.74 -15.90
CA VAL B 110 2.05 -8.35 -14.82
C VAL B 110 3.14 -7.47 -15.38
N THR B 111 3.58 -6.54 -14.53
CA THR B 111 4.72 -5.68 -14.79
C THR B 111 5.70 -5.92 -13.67
N ALA B 112 6.92 -6.32 -14.02
CA ALA B 112 7.96 -6.55 -13.05
C ALA B 112 9.10 -5.58 -13.30
N THR B 113 9.86 -5.29 -12.26
CA THR B 113 11.13 -4.62 -12.41
C THR B 113 12.21 -5.47 -11.78
N LYS B 114 13.44 -5.25 -12.21
CA LYS B 114 14.57 -5.78 -11.47
C LYS B 114 14.65 -5.09 -10.11
N VAL B 115 15.23 -5.78 -9.13
CA VAL B 115 15.37 -5.21 -7.78
C VAL B 115 16.79 -5.29 -7.25
N THR B 116 17.75 -5.77 -8.03
CA THR B 116 19.12 -5.81 -7.56
C THR B 116 19.79 -4.46 -7.82
N PRO B 117 20.30 -3.78 -6.80
CA PRO B 117 20.90 -2.44 -7.04
C PRO B 117 21.95 -2.42 -8.13
N SER B 118 22.82 -3.43 -8.17
CA SER B 118 23.83 -3.49 -9.23
C SER B 118 23.17 -3.55 -10.61
N GLN B 119 22.05 -4.25 -10.73
CA GLN B 119 21.33 -4.32 -11.99
C GLN B 119 20.45 -3.08 -12.24
N LEU B 120 20.57 -2.03 -11.44
CA LEU B 120 19.69 -0.86 -11.52
C LEU B 120 20.44 0.44 -11.71
N GLU B 121 21.72 0.38 -12.11
CA GLU B 121 22.48 1.61 -12.29
C GLU B 121 22.35 2.17 -13.70
N ALA B 122 21.84 1.37 -14.65
CA ALA B 122 21.54 1.84 -16.00
C ALA B 122 20.49 0.92 -16.59
N ASN B 123 19.94 1.34 -17.74
CA ASN B 123 19.05 0.56 -18.60
C ASN B 123 17.64 0.32 -18.06
N ASP B 124 16.80 -0.24 -18.93
CA ASP B 124 15.39 -0.50 -18.69
C ASP B 124 15.24 -1.71 -17.78
N PRO B 125 14.66 -1.57 -16.58
CA PRO B 125 14.54 -2.70 -15.66
C PRO B 125 13.24 -3.49 -15.77
N VAL B 126 12.42 -3.23 -16.78
CA VAL B 126 11.05 -3.73 -16.83
C VAL B 126 10.97 -5.02 -17.62
N VAL B 127 10.22 -5.97 -17.08
CA VAL B 127 9.81 -7.17 -17.79
C VAL B 127 8.30 -7.22 -17.66
N VAL B 128 7.62 -7.51 -18.77
CA VAL B 128 6.17 -7.62 -18.74
C VAL B 128 5.79 -8.99 -19.30
N GLY B 129 4.62 -9.47 -18.90
CA GLY B 129 4.12 -10.73 -19.40
C GLY B 129 2.77 -11.04 -18.80
N ASN B 130 2.38 -12.31 -18.85
CA ASN B 130 1.14 -12.69 -18.18
C ASN B 130 1.30 -14.06 -17.53
N VAL B 131 0.59 -14.24 -16.42
CA VAL B 131 0.59 -15.50 -15.68
C VAL B 131 -0.81 -16.11 -15.82
N GLN B 132 -0.85 -17.42 -16.07
CA GLN B 132 -2.13 -18.14 -16.15
C GLN B 132 -2.26 -19.08 -14.97
N PRO B 133 -3.04 -18.73 -13.93
CA PRO B 133 -3.20 -19.64 -12.80
C PRO B 133 -3.85 -20.96 -13.16
N TYR B 134 -4.58 -21.03 -14.27
CA TYR B 134 -5.12 -22.32 -14.72
C TYR B 134 -4.08 -23.20 -15.43
N ASN B 135 -2.90 -22.66 -15.74
CA ASN B 135 -1.85 -23.40 -16.43
C ASN B 135 -1.42 -24.61 -15.59
N PRO B 136 -1.01 -25.71 -16.24
CA PRO B 136 -0.42 -26.84 -15.49
C PRO B 136 0.89 -26.52 -14.79
N GLN B 137 1.65 -25.52 -15.23
CA GLN B 137 2.92 -25.18 -14.59
C GLN B 137 2.80 -24.11 -13.51
N PHE B 138 1.57 -23.68 -13.18
CA PHE B 138 1.32 -22.79 -12.04
C PHE B 138 1.39 -23.61 -10.77
N ALA B 139 2.47 -23.44 -9.98
CA ALA B 139 2.72 -24.26 -8.78
C ALA B 139 3.21 -23.40 -7.62
N PRO B 140 2.35 -22.51 -7.11
CA PRO B 140 2.84 -21.54 -6.11
C PRO B 140 3.18 -22.15 -4.76
N HIS B 141 2.43 -23.16 -4.30
CA HIS B 141 2.82 -23.75 -3.01
C HIS B 141 4.25 -24.29 -3.05
N LEU B 142 4.63 -24.96 -4.15
CA LEU B 142 5.98 -25.48 -4.25
C LEU B 142 6.98 -24.43 -4.71
N GLY B 143 6.52 -23.21 -5.00
CA GLY B 143 7.41 -22.08 -5.17
C GLY B 143 7.77 -21.73 -6.60
N THR B 144 6.96 -22.12 -7.58
CA THR B 144 7.32 -21.92 -8.99
C THR B 144 6.10 -21.59 -9.84
N LEU B 145 6.29 -20.65 -10.77
CA LEU B 145 5.25 -20.34 -11.74
C LEU B 145 5.91 -19.93 -13.04
N VAL B 146 5.06 -19.69 -14.05
CA VAL B 146 5.50 -19.47 -15.41
C VAL B 146 4.90 -18.15 -15.94
N VAL B 147 5.77 -17.24 -16.39
CA VAL B 147 5.34 -16.02 -17.06
C VAL B 147 5.27 -16.30 -18.57
N GLU B 148 4.05 -16.45 -19.09
CA GLU B 148 3.84 -16.54 -20.53
C GLU B 148 4.19 -15.23 -21.22
N ASN B 149 4.60 -15.34 -22.48
CA ASN B 149 4.83 -14.21 -23.37
C ASN B 149 5.72 -13.09 -22.77
N PRO B 150 6.88 -13.42 -22.22
CA PRO B 150 7.71 -12.36 -21.65
C PRO B 150 8.17 -11.36 -22.68
N THR B 151 8.10 -10.08 -22.32
CA THR B 151 8.84 -9.04 -23.02
C THR B 151 9.74 -8.33 -22.02
N PRO B 152 11.06 -8.30 -22.23
CA PRO B 152 11.83 -8.96 -23.31
C PRO B 152 11.74 -10.51 -23.32
N ASP B 153 11.98 -11.08 -24.51
CA ASP B 153 11.85 -12.53 -24.74
C ASP B 153 12.91 -13.32 -24.00
N GLN B 154 14.09 -12.74 -23.82
CA GLN B 154 15.21 -13.39 -23.15
C GLN B 154 15.59 -12.55 -21.95
N VAL B 155 15.44 -13.12 -20.76
CA VAL B 155 15.96 -12.53 -19.53
C VAL B 155 17.00 -13.49 -18.98
N ALA B 156 18.15 -12.95 -18.58
CA ALA B 156 19.20 -13.75 -17.97
C ALA B 156 18.62 -14.58 -16.82
N THR B 157 19.27 -15.71 -16.53
CA THR B 157 18.85 -16.57 -15.43
C THR B 157 19.30 -16.00 -14.10
N GLY B 158 18.50 -16.24 -13.06
CA GLY B 158 18.82 -15.64 -11.79
C GLY B 158 18.51 -14.16 -11.67
N THR B 159 17.78 -13.58 -12.61
CA THR B 159 17.36 -12.19 -12.43
C THR B 159 16.29 -12.11 -11.36
N ASP B 160 16.52 -11.23 -10.39
CA ASP B 160 15.60 -10.97 -9.27
C ASP B 160 14.51 -9.99 -9.72
N LEU B 161 13.26 -10.45 -9.83
CA LEU B 161 12.15 -9.65 -10.34
C LEU B 161 11.03 -9.49 -9.30
N LEU B 162 10.56 -8.24 -9.09
CA LEU B 162 9.36 -7.97 -8.28
C LEU B 162 8.18 -7.69 -9.20
N PHE B 163 7.11 -8.48 -9.08
CA PHE B 163 5.96 -8.41 -9.98
C PHE B 163 4.76 -7.70 -9.35
N ASN B 164 4.10 -6.87 -10.16
CA ASN B 164 2.79 -6.33 -9.83
C ASN B 164 1.77 -6.85 -10.82
N ILE B 165 0.52 -6.92 -10.40
CA ILE B 165 -0.57 -7.20 -11.33
C ILE B 165 -1.07 -5.86 -11.88
N THR B 166 -0.64 -5.54 -13.11
CA THR B 166 -1.14 -4.34 -13.78
C THR B 166 -2.63 -4.43 -14.03
N TRP B 167 -3.09 -5.54 -14.60
CA TRP B 167 -4.53 -5.75 -14.70
C TRP B 167 -4.81 -7.23 -14.77
N LEU B 168 -6.09 -7.56 -14.63
CA LEU B 168 -6.62 -8.91 -14.74
C LEU B 168 -7.60 -8.98 -15.90
N SER B 169 -7.66 -10.14 -16.55
CA SER B 169 -8.57 -10.31 -17.67
C SER B 169 -9.25 -11.67 -17.57
N ASN B 170 -10.47 -11.74 -18.09
CA ASN B 170 -11.18 -13.00 -18.12
C ASN B 170 -10.48 -13.98 -19.06
N ARG B 171 -10.70 -15.27 -18.79
CA ARG B 171 -10.42 -16.30 -19.80
C ARG B 171 -11.37 -16.11 -20.97
N ALA B 172 -10.99 -16.64 -22.12
CA ALA B 172 -11.84 -16.59 -23.30
C ALA B 172 -13.21 -17.21 -23.00
N ASN B 173 -14.27 -16.48 -23.31
CA ASN B 173 -15.65 -16.97 -23.23
C ASN B 173 -16.09 -17.29 -21.81
N ASN B 174 -15.48 -16.64 -20.82
CA ASN B 174 -15.99 -16.63 -19.46
C ASN B 174 -15.85 -15.21 -18.93
N ARG B 175 -16.59 -14.90 -17.88
CA ARG B 175 -16.36 -13.66 -17.16
C ARG B 175 -15.41 -13.91 -15.99
N PHE B 176 -14.63 -12.89 -15.64
CA PHE B 176 -13.67 -13.02 -14.55
C PHE B 176 -14.38 -12.91 -13.20
N ASN B 177 -14.36 -14.00 -12.43
CA ASN B 177 -15.01 -14.06 -11.12
C ASN B 177 -13.98 -13.82 -10.03
N PRO B 178 -13.96 -12.63 -9.41
CA PRO B 178 -12.92 -12.33 -8.43
C PRO B 178 -13.07 -13.08 -7.11
N TRP B 179 -14.14 -13.87 -6.94
CA TRP B 179 -14.27 -14.70 -5.74
C TRP B 179 -13.39 -15.93 -5.78
N VAL B 180 -13.00 -16.37 -6.98
CA VAL B 180 -12.39 -17.67 -7.18
C VAL B 180 -10.90 -17.59 -6.84
N ILE B 181 -10.45 -18.44 -5.91
CA ILE B 181 -9.06 -18.42 -5.48
C ILE B 181 -8.27 -19.42 -6.31
N PRO B 182 -6.95 -19.28 -6.43
CA PRO B 182 -6.17 -20.21 -7.26
C PRO B 182 -6.11 -21.59 -6.66
N ASN B 183 -5.58 -22.53 -7.45
CA ASN B 183 -5.23 -23.85 -6.98
C ASN B 183 -3.75 -23.79 -6.67
N TYR B 184 -3.41 -23.94 -5.40
CA TYR B 184 -2.04 -23.67 -4.96
C TYR B 184 -1.11 -24.85 -5.14
N GLY B 185 -1.63 -26.04 -5.44
CA GLY B 185 -0.86 -27.26 -5.46
C GLY B 185 -1.54 -28.35 -4.66
N SER B 186 -0.98 -29.55 -4.76
CA SER B 186 -1.55 -30.72 -4.09
C SER B 186 -0.76 -31.19 -2.88
N THR B 187 0.33 -30.51 -2.55
CA THR B 187 1.24 -30.90 -1.47
C THR B 187 0.89 -30.26 -0.11
N LEU B 188 -0.40 -30.23 0.27
CA LEU B 188 -0.90 -29.35 1.35
C LEU B 188 -0.65 -29.92 2.75
N THR B 189 0.37 -29.42 3.43
CA THR B 189 0.61 -29.82 4.81
C THR B 189 -0.32 -29.08 5.77
N GLU B 190 -0.42 -29.60 7.00
CA GLU B 190 -1.33 -29.01 7.98
C GLU B 190 -0.89 -27.60 8.37
N ALA B 191 0.42 -27.37 8.44
CA ALA B 191 0.91 -26.03 8.74
C ALA B 191 0.57 -25.05 7.62
N ALA B 192 0.64 -25.51 6.36
CA ALA B 192 0.45 -24.67 5.18
C ALA B 192 -1.01 -24.59 4.72
N GLN B 193 -1.96 -24.91 5.60
CA GLN B 193 -3.35 -25.01 5.17
C GLN B 193 -3.90 -23.65 4.75
N LEU B 194 -4.84 -23.70 3.83
CA LEU B 194 -5.57 -22.52 3.39
C LEU B 194 -6.39 -21.94 4.54
N ALA B 195 -6.65 -20.65 4.44
CA ALA B 195 -7.67 -20.04 5.28
C ALA B 195 -9.00 -20.75 5.03
N PRO B 196 -9.76 -21.04 6.09
CA PRO B 196 -11.03 -21.77 5.90
C PRO B 196 -12.02 -20.95 5.08
N SER B 197 -13.01 -21.65 4.53
CA SER B 197 -14.12 -20.95 3.93
C SER B 197 -15.03 -20.40 5.02
N ILE B 198 -15.71 -19.30 4.72
CA ILE B 198 -16.64 -18.67 5.65
C ILE B 198 -18.05 -18.99 5.22
N PHE B 199 -18.84 -19.50 6.13
CA PHE B 199 -20.22 -19.86 5.80
C PHE B 199 -21.20 -18.83 6.35
N PRO B 200 -22.37 -18.71 5.71
CA PRO B 200 -23.33 -17.65 6.10
C PRO B 200 -23.64 -17.69 7.57
N PRO B 201 -23.77 -16.53 8.20
CA PRO B 201 -23.71 -16.43 9.67
C PRO B 201 -24.98 -16.71 10.46
N GLY B 202 -26.15 -16.78 9.83
CA GLY B 202 -27.38 -16.94 10.59
C GLY B 202 -27.92 -15.62 11.10
N PHE B 203 -29.14 -15.69 11.67
CA PHE B 203 -29.84 -14.52 12.18
C PHE B 203 -30.11 -13.50 11.08
N GLY B 204 -30.39 -13.99 9.89
CA GLY B 204 -30.63 -13.10 8.76
C GLY B 204 -29.46 -12.23 8.39
N GLU B 205 -28.26 -12.57 8.87
CA GLU B 205 -27.07 -11.81 8.53
C GLU B 205 -26.51 -12.28 7.20
N THR B 206 -25.77 -11.40 6.53
CA THR B 206 -25.06 -11.74 5.32
C THR B 206 -23.71 -11.03 5.33
N ILE B 207 -22.72 -11.69 4.74
CA ILE B 207 -21.35 -11.21 4.77
C ILE B 207 -21.25 -9.88 4.03
N VAL B 208 -20.42 -8.98 4.56
CA VAL B 208 -20.19 -7.68 3.93
C VAL B 208 -18.84 -7.71 3.22
N TYR B 209 -18.82 -7.30 1.95
CA TYR B 209 -17.58 -7.21 1.21
C TYR B 209 -17.19 -5.75 1.00
N PHE B 210 -15.91 -5.47 1.18
CA PHE B 210 -15.37 -4.13 0.92
C PHE B 210 -14.81 -4.12 -0.50
N ASN B 211 -15.43 -3.34 -1.39
CA ASN B 211 -15.12 -3.39 -2.82
C ASN B 211 -14.16 -2.29 -3.22
N SER B 212 -13.38 -2.59 -4.26
CA SER B 212 -12.49 -1.65 -4.92
C SER B 212 -12.77 -1.64 -6.42
N THR B 213 -12.75 -0.44 -7.02
CA THR B 213 -12.63 -0.38 -8.48
C THR B 213 -11.19 -0.71 -8.84
N PHE B 214 -11.01 -1.63 -9.79
CA PHE B 214 -9.70 -2.15 -10.16
C PHE B 214 -9.73 -2.59 -11.61
N PRO B 215 -8.63 -2.44 -12.34
CA PRO B 215 -8.65 -2.84 -13.76
C PRO B 215 -8.75 -4.34 -13.94
N ALA B 216 -9.94 -4.89 -13.68
CA ALA B 216 -10.25 -6.29 -13.89
C ALA B 216 -11.24 -6.36 -15.06
N VAL B 217 -10.71 -6.73 -16.23
CA VAL B 217 -11.46 -6.64 -17.47
C VAL B 217 -12.36 -7.85 -17.63
N GLY B 218 -13.58 -7.62 -18.10
CA GLY B 218 -14.53 -8.71 -18.29
C GLY B 218 -14.90 -9.42 -17.00
N ALA B 219 -15.07 -8.67 -15.93
CA ALA B 219 -15.37 -9.26 -14.63
C ALA B 219 -16.86 -9.53 -14.48
N THR B 220 -17.18 -10.48 -13.61
CA THR B 220 -18.57 -10.71 -13.23
C THR B 220 -19.14 -9.57 -12.39
N THR B 221 -18.27 -8.73 -11.83
CA THR B 221 -18.67 -7.66 -10.93
C THR B 221 -18.53 -6.28 -11.54
N HIS B 222 -18.12 -6.18 -12.81
CA HIS B 222 -17.91 -4.89 -13.45
C HIS B 222 -16.83 -4.09 -12.72
N ALA B 223 -15.62 -4.64 -12.81
CA ALA B 223 -14.38 -4.01 -12.36
C ALA B 223 -14.32 -3.79 -10.84
N ALA B 224 -14.92 -4.69 -10.05
CA ALA B 224 -14.98 -4.55 -8.59
C ALA B 224 -14.35 -5.76 -7.92
N ILE B 225 -13.34 -5.52 -7.09
CA ILE B 225 -12.66 -6.57 -6.36
C ILE B 225 -13.15 -6.56 -4.91
N PRO B 226 -13.74 -7.65 -4.41
CA PRO B 226 -14.14 -7.71 -3.00
C PRO B 226 -13.06 -8.28 -2.10
N CYS B 227 -13.09 -7.84 -0.84
CA CYS B 227 -12.32 -8.44 0.24
C CYS B 227 -13.14 -8.41 1.52
N LEU B 228 -12.71 -9.20 2.51
CA LEU B 228 -13.45 -9.28 3.76
C LEU B 228 -13.05 -8.22 4.76
N LEU B 229 -11.82 -7.71 4.68
CA LEU B 229 -11.31 -6.80 5.66
C LEU B 229 -10.45 -5.76 4.96
N PRO B 230 -10.64 -4.47 5.24
CA PRO B 230 -9.67 -3.46 4.80
C PRO B 230 -8.29 -3.84 5.31
N GLN B 231 -7.27 -3.58 4.49
CA GLN B 231 -5.90 -3.88 4.90
C GLN B 231 -5.58 -3.19 6.22
N GLU B 232 -6.07 -1.96 6.41
CA GLU B 232 -5.83 -1.23 7.65
C GLU B 232 -6.37 -1.96 8.87
N PHE B 233 -7.45 -2.74 8.70
CA PHE B 233 -7.94 -3.56 9.81
C PHE B 233 -6.94 -4.65 10.15
N VAL B 234 -6.48 -5.39 9.12
CA VAL B 234 -5.43 -6.38 9.30
C VAL B 234 -4.25 -5.77 10.05
N ALA B 235 -3.71 -4.67 9.51
CA ALA B 235 -2.59 -4.02 10.18
C ALA B 235 -2.93 -3.62 11.60
N HIS B 236 -4.20 -3.26 11.86
CA HIS B 236 -4.60 -2.82 13.19
C HIS B 236 -4.63 -3.99 14.16
N PHE B 237 -5.26 -5.10 13.77
CA PHE B 237 -5.35 -6.26 14.64
C PHE B 237 -3.97 -6.85 14.92
N VAL B 238 -3.12 -6.96 13.90
CA VAL B 238 -1.77 -7.48 14.14
C VAL B 238 -1.01 -6.61 15.13
N ASN B 239 -1.19 -5.28 15.02
CA ASN B 239 -0.51 -4.35 15.92
C ASN B 239 -1.03 -4.47 17.36
N GLU B 240 -2.35 -4.61 17.52
CA GLU B 240 -2.98 -4.47 18.82
C GLU B 240 -2.96 -5.78 19.60
N GLN B 241 -3.21 -6.90 18.94
CA GLN B 241 -3.19 -8.20 19.59
C GLN B 241 -4.20 -8.27 20.74
N ALA B 242 -5.30 -7.54 20.60
CA ALA B 242 -6.29 -7.49 21.67
C ALA B 242 -6.96 -8.85 21.82
N PRO B 243 -7.01 -9.43 23.01
CA PRO B 243 -7.61 -10.76 23.14
C PRO B 243 -9.10 -10.74 22.82
N ILE B 244 -9.58 -11.88 22.33
CA ILE B 244 -11.00 -12.06 22.05
C ILE B 244 -11.77 -12.23 23.35
N ARG B 245 -12.75 -11.36 23.58
CA ARG B 245 -13.44 -11.34 24.86
C ARG B 245 -14.94 -11.45 24.68
N GLY B 246 -15.39 -12.03 23.57
CA GLY B 246 -16.81 -12.17 23.29
C GLY B 246 -16.99 -12.98 22.02
N GLU B 247 -18.26 -13.28 21.73
CA GLU B 247 -18.60 -14.14 20.60
C GLU B 247 -18.55 -13.39 19.27
N ALA B 248 -18.81 -12.08 19.28
CA ALA B 248 -18.66 -11.22 18.12
C ALA B 248 -18.43 -9.80 18.63
N ALA B 249 -18.11 -8.90 17.71
CA ALA B 249 -17.89 -7.50 18.07
C ALA B 249 -18.87 -6.62 17.30
N LEU B 250 -19.71 -5.89 18.02
CA LEU B 250 -20.66 -4.98 17.40
C LEU B 250 -19.94 -3.70 17.03
N LEU B 251 -20.06 -3.30 15.77
CA LEU B 251 -19.56 -2.02 15.29
C LEU B 251 -20.72 -1.12 14.91
N HIS B 252 -20.50 0.17 15.05
CA HIS B 252 -21.36 1.19 14.48
C HIS B 252 -20.61 1.89 13.34
N TYR B 253 -21.29 2.14 12.25
CA TYR B 253 -20.68 2.84 11.12
C TYR B 253 -21.17 4.27 11.26
N ILE B 254 -20.28 5.16 11.71
CA ILE B 254 -20.64 6.50 12.14
C ILE B 254 -20.37 7.50 11.03
N ASP B 255 -21.34 8.34 10.75
CA ASP B 255 -21.06 9.54 9.98
C ASP B 255 -20.14 10.40 10.82
N PRO B 256 -18.94 10.75 10.35
CA PRO B 256 -17.91 11.21 11.31
C PRO B 256 -18.16 12.60 11.87
N ASP B 257 -18.63 13.56 11.07
CA ASP B 257 -18.86 14.91 11.59
C ASP B 257 -20.15 14.98 12.41
N THR B 258 -21.31 14.80 11.77
CA THR B 258 -22.61 14.80 12.45
C THR B 258 -22.73 13.70 13.51
N HIS B 259 -21.77 12.79 13.60
CA HIS B 259 -21.64 11.77 14.64
C HIS B 259 -22.84 10.82 14.73
N ARG B 260 -23.75 10.83 13.76
CA ARG B 260 -24.90 9.93 13.80
C ARG B 260 -24.57 8.52 13.28
N ASN B 261 -25.33 7.54 13.79
CA ASN B 261 -25.17 6.13 13.46
C ASN B 261 -25.76 5.87 12.08
N LEU B 262 -24.93 5.40 11.14
CA LEU B 262 -25.43 5.03 9.81
C LEU B 262 -25.76 3.56 9.68
N GLY B 263 -25.27 2.71 10.58
CA GLY B 263 -25.61 1.29 10.53
C GLY B 263 -24.89 0.41 11.52
N GLU B 264 -25.52 -0.71 11.86
CA GLU B 264 -25.00 -1.68 12.83
C GLU B 264 -24.36 -2.84 12.07
N PHE B 265 -23.15 -3.21 12.48
CA PHE B 265 -22.48 -4.38 11.93
C PHE B 265 -21.91 -5.25 13.04
N LYS B 266 -21.72 -6.52 12.73
CA LYS B 266 -20.94 -7.42 13.56
C LYS B 266 -19.69 -7.83 12.80
N ILE B 267 -18.57 -7.88 13.51
CA ILE B 267 -17.35 -8.47 12.99
C ILE B 267 -17.02 -9.65 13.88
N TYR B 268 -16.83 -10.83 13.27
CA TYR B 268 -16.71 -12.10 13.98
C TYR B 268 -15.25 -12.43 14.23
N PRO B 269 -14.96 -13.23 15.27
CA PRO B 269 -13.54 -13.50 15.61
C PRO B 269 -12.73 -14.07 14.47
N GLU B 270 -13.35 -14.89 13.60
CA GLU B 270 -12.68 -15.42 12.41
C GLU B 270 -12.25 -14.32 11.43
N GLY B 271 -12.82 -13.13 11.51
CA GLY B 271 -12.26 -12.05 10.73
C GLY B 271 -13.07 -11.69 9.50
N PHE B 272 -14.39 -11.54 9.67
CA PHE B 272 -15.27 -11.12 8.61
C PHE B 272 -16.42 -10.31 9.19
N VAL B 273 -16.96 -9.41 8.35
CA VAL B 273 -18.02 -8.49 8.74
C VAL B 273 -19.36 -8.97 8.19
N THR B 274 -20.43 -8.72 8.94
CA THR B 274 -21.78 -9.03 8.49
C THR B 274 -22.70 -7.86 8.84
N CYS B 275 -23.88 -7.90 8.25
CA CYS B 275 -24.98 -6.99 8.54
C CYS B 275 -26.27 -7.71 8.19
N VAL B 276 -27.38 -7.06 8.47
CA VAL B 276 -28.72 -7.49 8.05
C VAL B 276 -29.24 -6.45 7.06
N PRO B 277 -29.38 -6.78 5.77
CA PRO B 277 -29.88 -5.78 4.82
C PRO B 277 -31.37 -5.55 5.03
N ASN B 278 -31.76 -4.27 4.98
CA ASN B 278 -33.18 -3.95 4.88
C ASN B 278 -33.77 -4.67 3.68
N VAL B 279 -34.91 -5.34 3.90
CA VAL B 279 -35.39 -6.34 2.95
C VAL B 279 -35.60 -5.71 1.58
N GLY B 280 -35.11 -6.40 0.55
CA GLY B 280 -35.32 -5.96 -0.82
C GLY B 280 -34.57 -4.71 -1.21
N GLY B 281 -33.40 -4.48 -0.61
CA GLY B 281 -32.56 -3.35 -0.92
C GLY B 281 -31.12 -3.76 -0.96
N THR B 282 -30.27 -2.78 -1.25
CA THR B 282 -28.86 -3.02 -1.48
C THR B 282 -28.06 -3.20 -0.19
N GLY B 283 -28.69 -3.05 0.97
CA GLY B 283 -28.00 -3.14 2.23
C GLY B 283 -27.04 -1.99 2.45
N PRO B 284 -25.82 -2.30 2.86
CA PRO B 284 -24.83 -1.25 3.15
C PRO B 284 -24.39 -0.43 1.95
N GLN B 285 -24.72 -0.84 0.72
CA GLN B 285 -24.14 -0.18 -0.45
C GLN B 285 -24.64 1.25 -0.66
N SER B 286 -25.83 1.59 -0.14
CA SER B 286 -26.35 2.94 -0.29
C SER B 286 -25.82 3.92 0.76
N LEU B 287 -25.11 3.47 1.78
CA LEU B 287 -24.59 4.37 2.79
C LEU B 287 -23.43 5.18 2.23
N PRO B 288 -23.21 6.40 2.73
CA PRO B 288 -22.01 7.15 2.32
C PRO B 288 -20.76 6.36 2.62
N THR B 289 -19.80 6.43 1.70
CA THR B 289 -18.54 5.73 1.87
C THR B 289 -17.54 6.51 2.71
N ASN B 290 -17.93 7.66 3.27
CA ASN B 290 -17.04 8.39 4.13
C ASN B 290 -17.35 8.22 5.61
N GLY B 291 -18.18 7.25 5.96
CA GLY B 291 -18.40 6.97 7.36
C GLY B 291 -17.22 6.24 8.00
N VAL B 292 -17.28 6.13 9.32
CA VAL B 292 -16.20 5.53 10.10
C VAL B 292 -16.75 4.41 10.99
N PHE B 293 -15.98 3.34 11.14
CA PHE B 293 -16.35 2.23 12.00
C PHE B 293 -15.82 2.43 13.41
N VAL B 294 -16.67 2.18 14.41
CA VAL B 294 -16.27 2.30 15.80
C VAL B 294 -16.72 1.06 16.57
N PHE B 295 -15.86 0.56 17.45
CA PHE B 295 -16.22 -0.54 18.32
C PHE B 295 -17.22 -0.10 19.39
N VAL B 296 -18.30 -0.85 19.56
CA VAL B 296 -19.32 -0.55 20.58
C VAL B 296 -19.15 -1.48 21.77
N SER B 297 -19.29 -2.78 21.53
CA SER B 297 -19.06 -3.77 22.58
C SER B 297 -18.93 -5.15 21.94
N TRP B 298 -18.32 -6.06 22.67
CA TRP B 298 -18.53 -7.47 22.39
C TRP B 298 -20.01 -7.80 22.60
N VAL B 299 -20.49 -8.77 21.83
CA VAL B 299 -21.87 -9.23 21.90
C VAL B 299 -21.86 -10.73 21.62
N SER B 300 -22.99 -11.39 21.86
CA SER B 300 -23.09 -12.81 21.57
C SER B 300 -23.52 -13.01 20.12
N ARG B 301 -23.41 -14.26 19.65
CA ARG B 301 -23.73 -14.55 18.26
C ARG B 301 -25.18 -14.23 17.95
N TYR B 302 -26.06 -14.27 18.94
CA TYR B 302 -27.47 -14.06 18.65
C TYR B 302 -27.93 -12.60 18.78
N TYR B 303 -27.03 -11.65 19.02
CA TYR B 303 -27.42 -10.24 19.00
C TYR B 303 -28.02 -9.88 17.66
N GLN B 304 -29.22 -9.30 17.66
CA GLN B 304 -29.96 -9.04 16.43
C GLN B 304 -29.65 -7.64 15.91
N LEU B 305 -29.17 -7.55 14.67
CA LEU B 305 -28.81 -6.28 14.08
C LEU B 305 -30.03 -5.58 13.51
N LYS B 306 -30.10 -4.27 13.69
CA LYS B 306 -31.13 -3.48 13.03
C LYS B 306 -30.86 -3.52 11.53
N PRO B 307 -31.86 -3.79 10.70
CA PRO B 307 -31.66 -3.78 9.24
C PRO B 307 -30.95 -2.53 8.77
N VAL B 308 -30.03 -2.70 7.85
CA VAL B 308 -29.26 -1.60 7.31
C VAL B 308 -29.71 -1.32 5.88
N GLY B 309 -29.63 -0.06 5.48
CA GLY B 309 -29.98 0.34 4.14
C GLY B 309 -31.46 0.66 3.98
N THR B 310 -31.81 0.92 2.72
CA THR B 310 -33.17 1.20 2.32
C THR B 310 -33.80 -0.04 1.67
N ALA B 311 -35.12 0.00 1.53
CA ALA B 311 -35.87 -1.17 1.06
C ALA B 311 -36.03 -1.22 -0.46
N GLY B 312 -35.34 -0.35 -1.19
CA GLY B 312 -35.38 -0.38 -2.65
C GLY B 312 -36.14 0.78 -3.29
#